data_2FY3
#
_entry.id   2FY3
#
_cell.length_a   54.780
_cell.length_b   76.260
_cell.length_c   164.290
_cell.angle_alpha   90.00
_cell.angle_beta   90.00
_cell.angle_gamma   90.00
#
_symmetry.space_group_name_H-M   'P 21 21 21'
#
loop_
_entity.id
_entity.type
_entity.pdbx_description
1 polymer 'Choline O-acetyltransferase'
2 non-polymer 'CHOLINE ION'
3 non-polymer GLYCEROL
4 water water
#
_entity_poly.entity_id   1
_entity_poly.type   'polypeptide(L)'
_entity_poly.pdbx_seq_one_letter_code
;AAAKTPSSEESGLPKLPVPPLQQTLATYLQCMRHLVSEEQFRKSQAIVQQFGAPGGLGETLQQKLLERQEKTANWVSEYW
LNDMYLNNRLALPVNSSPAVIFARQHFPGTDDQLRFAASLISGVLSYKALLDSHSIPTDCAKGQLSGQPLCMKQYYGLFS
SYRLPGHTQDTLVAQNSSIMPEPEHVIVACCNQFFVLDVVINFRRLSEGDLFTQLRKIVKMASNAAARLPPIGLLTSDGR
SEWAEARTVLVKDSTNRDSLDMIERCICLVCLDAPGGVELSDTHRALQLLHGGGYSKNGANRWYDKSLQFVVGRDGTCGV
VCEHSPFDGIVLVQCTEHLLKHMTQPELVRSPMVPLPAPRRLRWKCSPEIQGHLASSAEKLQRIVKNLDFIVYKFDNYGK
TFIKKQKCSPDAFIQVALQLAFYRLHRRLVPTYESASIRRFQEGRVDNIRSATPEALAFVRAVTDHKAAVPASEKLLLLK
DAIRAQTAYTVMAITGMAIDNHLLALRELARAMCAALPEMFMDETYLMSNRFVLSTSQVPTTTEMFCCYGPVVPNGYGAC
YNPQPETILFCISSFHSCAATSSSKFAKAVEESLIDMRDLCSLLPPTESKPL
;
_entity_poly.pdbx_strand_id   A
#
loop_
_chem_comp.id
_chem_comp.type
_chem_comp.name
_chem_comp.formula
CHT non-polymer 'CHOLINE ION' 'C5 H14 N O 1'
GOL non-polymer GLYCEROL 'C3 H8 O3'
#
# COMPACT_ATOMS: atom_id res chain seq x y z
N SER A 8 6.60 -15.80 -29.12
CA SER A 8 6.26 -15.39 -27.76
C SER A 8 5.29 -14.19 -27.77
N GLU A 9 5.83 -12.99 -27.56
CA GLU A 9 5.05 -11.75 -27.53
C GLU A 9 3.91 -11.81 -26.57
N GLU A 10 3.70 -12.99 -25.95
CA GLU A 10 2.62 -13.13 -24.97
C GLU A 10 3.06 -14.04 -23.84
N SER A 11 2.74 -13.62 -22.61
CA SER A 11 3.09 -14.33 -21.39
C SER A 11 3.00 -15.85 -21.43
N GLY A 12 3.99 -16.47 -20.81
CA GLY A 12 4.07 -17.91 -20.73
C GLY A 12 3.60 -18.31 -19.34
N LEU A 13 3.24 -17.31 -18.54
CA LEU A 13 2.77 -17.53 -17.18
C LEU A 13 1.35 -18.08 -17.18
N PRO A 14 0.97 -18.81 -16.12
CA PRO A 14 -0.37 -19.38 -16.03
C PRO A 14 -1.39 -18.27 -15.77
N LYS A 15 -2.62 -18.50 -16.20
CA LYS A 15 -3.69 -17.53 -15.97
C LYS A 15 -4.20 -17.76 -14.57
N LEU A 16 -4.71 -16.70 -13.94
CA LEU A 16 -5.27 -16.82 -12.59
C LEU A 16 -6.33 -17.91 -12.65
N PRO A 17 -6.26 -18.88 -11.75
CA PRO A 17 -7.27 -19.93 -11.79
C PRO A 17 -8.61 -19.52 -11.22
N VAL A 18 -9.65 -20.18 -11.67
CA VAL A 18 -10.99 -19.91 -11.16
C VAL A 18 -11.28 -21.07 -10.26
N PRO A 19 -11.30 -20.85 -8.95
CA PRO A 19 -11.58 -21.96 -8.04
C PRO A 19 -12.98 -22.49 -8.22
N PRO A 20 -13.19 -23.77 -7.87
CA PRO A 20 -14.52 -24.36 -8.02
C PRO A 20 -15.54 -23.64 -7.14
N LEU A 21 -16.75 -23.49 -7.65
CA LEU A 21 -17.81 -22.80 -6.93
C LEU A 21 -18.06 -23.30 -5.53
N GLN A 22 -18.26 -24.61 -5.39
CA GLN A 22 -18.55 -25.19 -4.08
C GLN A 22 -17.41 -25.05 -3.08
N GLN A 23 -16.18 -25.04 -3.58
CA GLN A 23 -15.03 -24.91 -2.71
C GLN A 23 -15.06 -23.52 -2.05
N THR A 24 -15.30 -22.51 -2.87
CA THR A 24 -15.33 -21.14 -2.38
C THR A 24 -16.49 -20.88 -1.43
N LEU A 25 -17.69 -21.35 -1.80
CA LEU A 25 -18.85 -21.15 -0.95
C LEU A 25 -18.71 -21.85 0.41
N ALA A 26 -18.14 -23.05 0.41
CA ALA A 26 -17.94 -23.78 1.66
C ALA A 26 -16.88 -23.08 2.53
N THR A 27 -15.80 -22.64 1.89
CA THR A 27 -14.74 -21.94 2.62
C THR A 27 -15.31 -20.63 3.18
N TYR A 28 -16.07 -19.93 2.34
CA TYR A 28 -16.68 -18.67 2.76
C TYR A 28 -17.46 -18.84 4.06
N LEU A 29 -18.42 -19.77 4.06
CA LEU A 29 -19.22 -20.04 5.26
C LEU A 29 -18.35 -20.41 6.45
N GLN A 30 -17.33 -21.23 6.19
CA GLN A 30 -16.40 -21.67 7.23
C GLN A 30 -15.66 -20.46 7.81
N CYS A 31 -15.39 -19.46 6.97
CA CYS A 31 -14.66 -18.27 7.41
C CYS A 31 -15.52 -17.33 8.28
N MET A 32 -16.83 -17.28 8.02
CA MET A 32 -17.69 -16.34 8.74
C MET A 32 -18.50 -16.90 9.90
N ARG A 33 -18.59 -18.21 10.02
CA ARG A 33 -19.37 -18.79 11.08
C ARG A 33 -19.12 -18.18 12.46
N HIS A 34 -17.86 -18.11 12.87
CA HIS A 34 -17.51 -17.58 14.18
C HIS A 34 -17.45 -16.06 14.26
N LEU A 35 -17.73 -15.40 13.14
CA LEU A 35 -17.68 -13.94 13.10
C LEU A 35 -19.04 -13.25 13.09
N VAL A 36 -20.12 -14.03 13.04
CA VAL A 36 -21.48 -13.50 13.04
C VAL A 36 -22.34 -14.33 13.99
N SER A 37 -23.49 -13.81 14.39
CA SER A 37 -24.37 -14.54 15.31
C SER A 37 -24.87 -15.84 14.67
N GLU A 38 -25.38 -16.73 15.51
CA GLU A 38 -25.89 -18.01 15.03
C GLU A 38 -27.14 -17.81 14.20
N GLU A 39 -27.96 -16.84 14.58
CA GLU A 39 -29.18 -16.54 13.85
C GLU A 39 -28.83 -16.06 12.45
N GLN A 40 -27.86 -15.15 12.35
CA GLN A 40 -27.43 -14.62 11.06
C GLN A 40 -26.74 -15.71 10.23
N PHE A 41 -25.91 -16.52 10.87
CA PHE A 41 -25.21 -17.59 10.16
C PHE A 41 -26.23 -18.56 9.58
N ARG A 42 -27.27 -18.84 10.36
CA ARG A 42 -28.29 -19.76 9.90
C ARG A 42 -28.93 -19.25 8.63
N LYS A 43 -29.11 -17.93 8.53
CA LYS A 43 -29.71 -17.32 7.35
C LYS A 43 -28.73 -17.30 6.18
N SER A 44 -27.46 -17.06 6.48
CA SER A 44 -26.45 -17.02 5.43
C SER A 44 -26.25 -18.41 4.82
N GLN A 45 -26.45 -19.45 5.64
CA GLN A 45 -26.31 -20.82 5.14
C GLN A 45 -27.37 -21.08 4.07
N ALA A 46 -28.61 -20.70 4.37
CA ALA A 46 -29.71 -20.91 3.43
C ALA A 46 -29.46 -20.06 2.17
N ILE A 47 -29.13 -18.79 2.37
CA ILE A 47 -28.85 -17.90 1.25
C ILE A 47 -27.78 -18.52 0.34
N VAL A 48 -26.67 -18.95 0.94
CA VAL A 48 -25.57 -19.55 0.18
C VAL A 48 -26.00 -20.85 -0.51
N GLN A 49 -26.74 -21.67 0.23
CA GLN A 49 -27.23 -22.95 -0.28
C GLN A 49 -28.05 -22.73 -1.54
N GLN A 50 -28.89 -21.70 -1.54
CA GLN A 50 -29.72 -21.38 -2.69
C GLN A 50 -28.88 -20.82 -3.84
N PHE A 51 -27.90 -20.00 -3.52
CA PHE A 51 -27.04 -19.41 -4.54
C PHE A 51 -26.21 -20.48 -5.26
N GLY A 52 -25.74 -21.47 -4.51
CA GLY A 52 -24.90 -22.51 -5.09
C GLY A 52 -25.59 -23.80 -5.51
N ALA A 53 -26.91 -23.85 -5.39
CA ALA A 53 -27.68 -25.04 -5.74
C ALA A 53 -27.53 -25.40 -7.22
N PRO A 54 -27.67 -26.69 -7.56
CA PRO A 54 -27.56 -27.21 -8.94
C PRO A 54 -28.50 -26.46 -9.88
N GLY A 55 -27.94 -25.90 -10.95
CA GLY A 55 -28.74 -25.15 -11.89
C GLY A 55 -29.15 -23.79 -11.34
N GLY A 56 -28.47 -23.37 -10.27
CA GLY A 56 -28.76 -22.08 -9.65
C GLY A 56 -28.00 -20.91 -10.25
N LEU A 57 -28.18 -19.73 -9.66
CA LEU A 57 -27.52 -18.53 -10.15
C LEU A 57 -26.00 -18.65 -10.07
N GLY A 58 -25.52 -19.17 -8.95
CA GLY A 58 -24.09 -19.33 -8.75
C GLY A 58 -23.39 -20.07 -9.88
N GLU A 59 -23.99 -21.16 -10.34
CA GLU A 59 -23.38 -21.94 -11.41
C GLU A 59 -23.41 -21.16 -12.73
N THR A 60 -24.45 -20.36 -12.92
CA THR A 60 -24.57 -19.54 -14.13
C THR A 60 -23.43 -18.54 -14.13
N LEU A 61 -23.23 -17.90 -12.99
CA LEU A 61 -22.16 -16.90 -12.86
C LEU A 61 -20.79 -17.55 -13.00
N GLN A 62 -20.63 -18.74 -12.42
CA GLN A 62 -19.38 -19.47 -12.51
C GLN A 62 -19.01 -19.71 -13.98
N GLN A 63 -20.00 -20.10 -14.79
CA GLN A 63 -19.77 -20.35 -16.21
C GLN A 63 -19.36 -19.08 -16.93
N LYS A 64 -19.93 -17.96 -16.53
CA LYS A 64 -19.58 -16.70 -17.17
C LYS A 64 -18.17 -16.32 -16.78
N LEU A 65 -17.78 -16.67 -15.56
CA LEU A 65 -16.45 -16.37 -15.08
C LEU A 65 -15.44 -17.21 -15.85
N LEU A 66 -15.78 -18.48 -16.09
CA LEU A 66 -14.89 -19.36 -16.85
C LEU A 66 -14.73 -18.81 -18.26
N GLU A 67 -15.81 -18.25 -18.81
CA GLU A 67 -15.78 -17.65 -20.14
C GLU A 67 -14.87 -16.43 -20.06
N ARG A 68 -15.06 -15.65 -19.00
CA ARG A 68 -14.25 -14.44 -18.81
C ARG A 68 -12.79 -14.84 -18.66
N GLN A 69 -12.52 -15.92 -17.92
CA GLN A 69 -11.14 -16.37 -17.73
C GLN A 69 -10.46 -16.64 -19.07
N GLU A 70 -11.24 -17.18 -20.00
CA GLU A 70 -10.73 -17.53 -21.32
C GLU A 70 -10.45 -16.32 -22.21
N LYS A 71 -11.32 -15.32 -22.15
CA LYS A 71 -11.17 -14.12 -22.98
C LYS A 71 -10.22 -13.05 -22.47
N THR A 72 -9.83 -13.14 -21.20
CA THR A 72 -8.94 -12.15 -20.62
C THR A 72 -7.64 -12.79 -20.13
N ALA A 73 -6.60 -11.98 -19.96
CA ALA A 73 -5.32 -12.46 -19.45
C ALA A 73 -5.51 -12.75 -17.95
N ASN A 74 -6.34 -11.94 -17.30
CA ASN A 74 -6.64 -12.05 -15.87
C ASN A 74 -8.09 -11.60 -15.64
N TRP A 75 -8.94 -12.54 -15.23
CA TRP A 75 -10.35 -12.27 -15.02
C TRP A 75 -10.74 -11.35 -13.84
N VAL A 76 -9.81 -11.03 -12.95
CA VAL A 76 -10.18 -10.18 -11.80
C VAL A 76 -9.55 -8.80 -11.84
N SER A 77 -8.59 -8.62 -12.74
CA SER A 77 -7.86 -7.36 -12.83
C SER A 77 -8.73 -6.12 -12.74
N GLU A 78 -9.68 -6.02 -13.66
CA GLU A 78 -10.58 -4.89 -13.73
C GLU A 78 -11.40 -4.75 -12.45
N TYR A 79 -12.09 -5.81 -12.07
CA TYR A 79 -12.91 -5.79 -10.86
C TYR A 79 -12.09 -5.41 -9.65
N TRP A 80 -10.93 -6.05 -9.50
CA TRP A 80 -10.05 -5.81 -8.37
C TRP A 80 -9.54 -4.37 -8.32
N LEU A 81 -8.95 -3.90 -9.42
CA LEU A 81 -8.42 -2.55 -9.45
C LEU A 81 -9.46 -1.53 -9.00
N ASN A 82 -10.69 -1.67 -9.48
CA ASN A 82 -11.75 -0.74 -9.11
C ASN A 82 -12.22 -0.95 -7.67
N ASP A 83 -12.47 -2.19 -7.30
CA ASP A 83 -12.96 -2.49 -5.97
C ASP A 83 -11.99 -2.13 -4.86
N MET A 84 -10.74 -2.52 -5.02
CA MET A 84 -9.74 -2.23 -4.02
C MET A 84 -9.30 -0.78 -3.97
N TYR A 85 -9.19 -0.08 -5.12
CA TYR A 85 -8.74 1.30 -5.00
C TYR A 85 -9.50 2.37 -5.79
N LEU A 86 -9.64 2.22 -7.13
CA LEU A 86 -10.29 3.23 -7.98
C LEU A 86 -11.69 3.69 -7.53
N ASN A 87 -12.47 2.84 -6.87
CA ASN A 87 -13.80 3.25 -6.38
C ASN A 87 -13.76 3.89 -4.99
N ASN A 88 -12.69 3.65 -4.24
CA ASN A 88 -12.57 4.20 -2.89
C ASN A 88 -12.61 5.72 -3.00
N ARG A 89 -13.51 6.36 -2.23
CA ARG A 89 -13.65 7.81 -2.27
C ARG A 89 -12.76 8.54 -1.27
N LEU A 90 -12.19 7.80 -0.32
CA LEU A 90 -11.34 8.39 0.70
C LEU A 90 -10.09 9.02 0.11
N ALA A 91 -9.62 10.08 0.76
CA ALA A 91 -8.42 10.77 0.31
C ALA A 91 -7.29 9.75 0.40
N LEU A 92 -6.36 9.81 -0.55
CA LEU A 92 -5.23 8.89 -0.62
C LEU A 92 -4.31 8.90 0.61
N PRO A 93 -3.99 10.08 1.14
CA PRO A 93 -3.10 10.09 2.31
C PRO A 93 -3.63 9.25 3.46
N VAL A 94 -2.77 8.44 4.06
CA VAL A 94 -3.11 7.58 5.19
C VAL A 94 -4.07 6.45 4.84
N ASN A 95 -5.19 6.78 4.21
CA ASN A 95 -6.19 5.79 3.84
C ASN A 95 -5.74 4.79 2.77
N SER A 96 -4.96 5.25 1.79
CA SER A 96 -4.54 4.38 0.70
C SER A 96 -3.04 4.29 0.41
N SER A 97 -2.40 5.45 0.27
CA SER A 97 -0.98 5.49 -0.07
C SER A 97 -0.02 5.14 1.06
N PRO A 98 0.64 3.98 0.96
CA PRO A 98 1.58 3.61 2.01
C PRO A 98 2.88 4.42 1.85
N ALA A 99 3.68 4.45 2.91
CA ALA A 99 4.93 5.20 2.84
C ALA A 99 6.09 4.34 3.34
N VAL A 100 7.25 4.53 2.72
CA VAL A 100 8.45 3.81 3.10
C VAL A 100 9.43 4.84 3.66
N ILE A 101 9.84 4.62 4.90
CA ILE A 101 10.76 5.53 5.58
C ILE A 101 12.20 5.00 5.50
N PHE A 102 13.10 5.79 4.93
CA PHE A 102 14.49 5.38 4.84
C PHE A 102 15.14 5.67 6.19
N ALA A 103 16.41 5.32 6.33
CA ALA A 103 17.11 5.59 7.58
C ALA A 103 17.21 7.10 7.77
N ARG A 104 17.37 7.52 9.01
CA ARG A 104 17.49 8.94 9.31
C ARG A 104 18.79 9.41 8.68
N GLN A 105 18.73 10.54 7.97
CA GLN A 105 19.91 11.10 7.32
C GLN A 105 20.39 12.31 8.12
N HIS A 106 21.64 12.71 7.91
CA HIS A 106 22.15 13.88 8.61
C HIS A 106 22.62 14.90 7.58
N PHE A 107 21.87 15.99 7.48
CA PHE A 107 22.19 17.04 6.53
C PHE A 107 22.64 18.33 7.22
N PRO A 108 23.95 18.44 7.48
CA PRO A 108 24.50 19.63 8.13
C PRO A 108 24.09 20.87 7.34
N GLY A 109 24.25 20.80 6.02
CA GLY A 109 23.88 21.92 5.18
C GLY A 109 22.87 21.55 4.12
N THR A 110 22.35 22.56 3.45
CA THR A 110 21.37 22.35 2.39
C THR A 110 21.95 21.58 1.23
N ASP A 111 23.25 21.76 0.99
CA ASP A 111 23.92 21.06 -0.11
C ASP A 111 24.05 19.57 0.20
N ASP A 112 23.96 19.22 1.48
CA ASP A 112 24.05 17.82 1.86
C ASP A 112 22.70 17.20 1.49
N GLN A 113 21.64 17.95 1.71
CA GLN A 113 20.31 17.47 1.35
C GLN A 113 20.24 17.33 -0.16
N LEU A 114 20.68 18.36 -0.86
CA LEU A 114 20.66 18.36 -2.32
C LEU A 114 21.49 17.26 -2.95
N ARG A 115 22.68 17.03 -2.40
CA ARG A 115 23.55 15.99 -2.92
C ARG A 115 22.84 14.63 -2.77
N PHE A 116 22.10 14.46 -1.68
CA PHE A 116 21.37 13.23 -1.44
C PHE A 116 20.33 13.09 -2.54
N ALA A 117 19.53 14.14 -2.71
CA ALA A 117 18.49 14.16 -3.71
C ALA A 117 19.06 13.89 -5.10
N ALA A 118 20.21 14.49 -5.39
CA ALA A 118 20.86 14.30 -6.69
C ALA A 118 21.23 12.83 -6.85
N SER A 119 21.84 12.26 -5.81
CA SER A 119 22.25 10.86 -5.82
C SER A 119 21.03 9.95 -5.95
N LEU A 120 19.96 10.30 -5.25
CA LEU A 120 18.73 9.52 -5.29
C LEU A 120 18.09 9.59 -6.68
N ILE A 121 18.04 10.79 -7.25
CA ILE A 121 17.46 10.95 -8.57
C ILE A 121 18.30 10.11 -9.56
N SER A 122 19.62 10.13 -9.38
CA SER A 122 20.52 9.37 -10.22
C SER A 122 20.19 7.89 -10.12
N GLY A 123 19.95 7.44 -8.90
CA GLY A 123 19.62 6.04 -8.68
C GLY A 123 18.35 5.65 -9.41
N VAL A 124 17.36 6.55 -9.40
CA VAL A 124 16.10 6.29 -10.07
C VAL A 124 16.29 6.16 -11.58
N LEU A 125 17.05 7.08 -12.17
CA LEU A 125 17.31 7.06 -13.61
C LEU A 125 17.98 5.76 -14.02
N SER A 126 18.96 5.33 -13.23
CA SER A 126 19.68 4.10 -13.50
C SER A 126 18.78 2.88 -13.38
N TYR A 127 17.86 2.93 -12.42
CA TYR A 127 16.92 1.83 -12.20
C TYR A 127 15.89 1.76 -13.32
N LYS A 128 15.43 2.91 -13.77
CA LYS A 128 14.44 2.95 -14.85
C LYS A 128 15.08 2.43 -16.13
N ALA A 129 16.38 2.67 -16.29
CA ALA A 129 17.09 2.20 -17.46
C ALA A 129 17.07 0.67 -17.48
N LEU A 130 17.28 0.08 -16.30
CA LEU A 130 17.27 -1.37 -16.17
C LEU A 130 15.88 -1.88 -16.54
N LEU A 131 14.88 -1.20 -16.00
CA LEU A 131 13.49 -1.52 -16.25
C LEU A 131 13.18 -1.49 -17.75
N ASP A 132 13.36 -0.33 -18.36
CA ASP A 132 13.09 -0.15 -19.78
C ASP A 132 13.89 -1.06 -20.71
N SER A 133 15.04 -1.53 -20.24
CA SER A 133 15.85 -2.43 -21.06
C SER A 133 15.50 -3.88 -20.72
N HIS A 134 14.48 -4.06 -19.89
CA HIS A 134 14.03 -5.38 -19.47
C HIS A 134 15.17 -6.17 -18.83
N SER A 135 16.08 -5.46 -18.16
CA SER A 135 17.22 -6.09 -17.50
C SER A 135 16.94 -6.48 -16.05
N ILE A 136 15.75 -6.16 -15.55
CA ILE A 136 15.41 -6.53 -14.19
C ILE A 136 15.16 -8.04 -14.11
N PRO A 137 15.99 -8.76 -13.35
CA PRO A 137 15.85 -10.21 -13.20
C PRO A 137 14.44 -10.64 -12.83
N THR A 138 13.86 -11.54 -13.62
CA THR A 138 12.51 -12.02 -13.35
C THR A 138 12.45 -12.64 -11.96
N ASP A 139 11.54 -12.14 -11.13
CA ASP A 139 11.40 -12.65 -9.77
C ASP A 139 10.87 -14.08 -9.78
N CYS A 140 11.20 -14.84 -8.75
CA CYS A 140 10.75 -16.22 -8.62
C CYS A 140 9.90 -16.32 -7.36
N ALA A 141 8.91 -17.20 -7.41
CA ALA A 141 7.98 -17.41 -6.30
C ALA A 141 8.60 -17.91 -5.00
N LYS A 142 9.85 -17.57 -4.73
CA LYS A 142 10.51 -18.01 -3.50
C LYS A 142 10.40 -19.52 -3.34
N GLY A 147 11.94 -20.69 -7.24
CA GLY A 147 10.53 -20.97 -7.49
C GLY A 147 10.12 -20.67 -8.93
N GLN A 148 8.82 -20.66 -9.18
CA GLN A 148 8.31 -20.39 -10.51
C GLN A 148 8.39 -18.91 -10.82
N PRO A 149 8.43 -18.56 -12.12
CA PRO A 149 8.52 -17.17 -12.55
C PRO A 149 7.34 -16.36 -12.03
N LEU A 150 7.57 -15.07 -11.82
CA LEU A 150 6.50 -14.20 -11.35
C LEU A 150 6.27 -13.12 -12.39
N CYS A 151 5.04 -12.64 -12.46
CA CYS A 151 4.66 -11.59 -13.38
C CYS A 151 5.51 -10.37 -13.03
N MET A 152 6.01 -9.66 -14.04
CA MET A 152 6.83 -8.48 -13.81
C MET A 152 6.16 -7.19 -14.28
N LYS A 153 4.88 -7.28 -14.64
CA LYS A 153 4.14 -6.11 -15.12
C LYS A 153 4.13 -4.92 -14.15
N GLN A 154 4.04 -5.20 -12.85
CA GLN A 154 4.02 -4.13 -11.86
C GLN A 154 5.22 -3.21 -11.95
N TYR A 155 6.37 -3.77 -12.33
CA TYR A 155 7.60 -2.99 -12.47
C TYR A 155 7.48 -1.89 -13.53
N TYR A 156 6.79 -2.19 -14.62
CA TYR A 156 6.61 -1.23 -15.71
C TYR A 156 5.58 -0.15 -15.38
N GLY A 157 4.96 -0.25 -14.21
CA GLY A 157 3.97 0.74 -13.80
C GLY A 157 4.56 1.65 -12.75
N LEU A 158 5.82 1.41 -12.39
CA LEU A 158 6.49 2.20 -11.36
C LEU A 158 6.60 3.68 -11.68
N PHE A 159 7.05 4.01 -12.88
CA PHE A 159 7.25 5.40 -13.27
C PHE A 159 6.34 5.91 -14.40
N SER A 160 5.47 5.06 -14.92
CA SER A 160 4.59 5.47 -16.00
C SER A 160 3.12 5.49 -15.61
N SER A 161 2.85 5.54 -14.32
CA SER A 161 1.48 5.57 -13.83
C SER A 161 1.08 6.86 -13.14
N TYR A 162 -0.13 7.26 -13.45
CA TYR A 162 -0.75 8.41 -12.80
C TYR A 162 -2.19 8.03 -12.46
N ARG A 163 -2.67 8.41 -11.29
CA ARG A 163 -4.05 8.09 -10.95
C ARG A 163 -4.98 9.31 -11.01
N LEU A 164 -5.74 9.42 -12.10
CA LEU A 164 -6.68 10.53 -12.26
C LEU A 164 -7.89 10.39 -11.34
N PRO A 165 -8.30 11.51 -10.71
CA PRO A 165 -9.46 11.45 -9.83
C PRO A 165 -10.75 11.42 -10.65
N GLY A 166 -11.80 10.83 -10.09
CA GLY A 166 -13.06 10.76 -10.81
C GLY A 166 -14.18 11.11 -9.86
N HIS A 167 -15.36 11.42 -10.40
CA HIS A 167 -16.49 11.76 -9.56
C HIS A 167 -16.96 10.56 -8.75
N THR A 168 -16.92 9.37 -9.35
CA THR A 168 -17.33 8.16 -8.64
C THR A 168 -16.30 7.05 -8.76
N GLN A 169 -15.51 7.09 -9.83
CA GLN A 169 -14.47 6.09 -10.05
C GLN A 169 -13.24 6.77 -10.64
N ASP A 170 -12.08 6.48 -10.04
CA ASP A 170 -10.82 7.04 -10.50
C ASP A 170 -10.34 6.29 -11.74
N THR A 171 -9.33 6.84 -12.39
CA THR A 171 -8.77 6.22 -13.60
C THR A 171 -7.25 6.12 -13.48
N LEU A 172 -6.74 4.90 -13.63
CA LEU A 172 -5.30 4.69 -13.56
C LEU A 172 -4.79 4.77 -14.99
N VAL A 173 -4.01 5.81 -15.27
CA VAL A 173 -3.47 6.01 -16.61
C VAL A 173 -2.07 5.43 -16.75
N ALA A 174 -1.88 4.65 -17.82
CA ALA A 174 -0.61 4.02 -18.12
C ALA A 174 -0.09 4.60 -19.44
N GLN A 175 1.05 5.28 -19.36
CA GLN A 175 1.66 5.88 -20.54
C GLN A 175 2.16 4.82 -21.52
N ASN A 176 1.92 5.05 -22.80
CA ASN A 176 2.34 4.13 -23.86
C ASN A 176 3.86 4.22 -24.02
N SER A 177 4.46 3.12 -24.48
CA SER A 177 5.90 3.08 -24.68
C SER A 177 6.29 4.06 -25.79
N SER A 178 5.52 4.03 -26.88
CA SER A 178 5.75 4.91 -28.01
C SER A 178 5.58 6.36 -27.59
N ILE A 179 4.87 6.55 -26.47
CA ILE A 179 4.62 7.89 -25.96
C ILE A 179 5.46 8.19 -24.73
N MET A 180 6.64 7.60 -24.67
CA MET A 180 7.56 7.89 -23.58
C MET A 180 8.25 9.20 -23.96
N PRO A 181 7.88 10.27 -23.25
CA PRO A 181 8.38 11.63 -23.43
C PRO A 181 9.82 11.80 -23.81
N GLU A 182 10.12 12.94 -24.43
CA GLU A 182 11.47 13.27 -24.84
C GLU A 182 11.67 14.78 -24.71
N PRO A 183 12.48 15.21 -23.73
CA PRO A 183 13.17 14.35 -22.77
C PRO A 183 12.28 13.90 -21.61
N GLU A 184 12.78 12.97 -20.81
CA GLU A 184 12.04 12.50 -19.64
C GLU A 184 12.32 13.45 -18.49
N HIS A 185 11.31 13.65 -17.63
CA HIS A 185 11.49 14.58 -16.52
C HIS A 185 10.88 14.10 -15.22
N VAL A 186 11.32 14.73 -14.14
CA VAL A 186 10.82 14.47 -12.82
C VAL A 186 10.27 15.80 -12.35
N ILE A 187 9.32 15.77 -11.42
CA ILE A 187 8.78 17.00 -10.89
C ILE A 187 9.39 17.18 -9.50
N VAL A 188 10.04 18.31 -9.28
CA VAL A 188 10.64 18.59 -7.99
C VAL A 188 9.72 19.53 -7.24
N ALA A 189 9.31 19.12 -6.04
CA ALA A 189 8.42 19.91 -5.20
C ALA A 189 9.23 20.61 -4.11
N CYS A 190 9.15 21.94 -4.06
CA CYS A 190 9.87 22.70 -3.06
C CYS A 190 9.05 23.91 -2.64
N CYS A 191 8.76 24.02 -1.34
CA CYS A 191 7.98 25.14 -0.82
C CYS A 191 6.61 25.16 -1.49
N ASN A 192 6.08 23.97 -1.77
CA ASN A 192 4.77 23.82 -2.40
C ASN A 192 4.76 24.26 -3.85
N GLN A 193 5.95 24.53 -4.39
CA GLN A 193 6.09 24.93 -5.78
C GLN A 193 6.59 23.71 -6.56
N PHE A 194 6.11 23.54 -7.79
CA PHE A 194 6.52 22.41 -8.60
C PHE A 194 7.38 22.86 -9.78
N PHE A 195 8.50 22.18 -9.97
CA PHE A 195 9.41 22.50 -11.06
C PHE A 195 9.70 21.26 -11.90
N VAL A 196 9.67 21.45 -13.21
CA VAL A 196 9.96 20.36 -14.14
C VAL A 196 11.48 20.28 -14.27
N LEU A 197 12.04 19.12 -13.98
CA LEU A 197 13.49 18.92 -14.08
C LEU A 197 13.80 17.85 -15.13
N ASP A 198 14.16 18.26 -16.34
CA ASP A 198 14.49 17.29 -17.38
C ASP A 198 15.70 16.49 -16.91
N VAL A 199 15.67 15.18 -17.10
CA VAL A 199 16.76 14.33 -16.66
C VAL A 199 17.38 13.43 -17.74
N VAL A 200 16.69 13.29 -18.87
CA VAL A 200 17.19 12.47 -19.98
C VAL A 200 16.77 13.05 -21.32
N ILE A 201 17.70 13.69 -22.03
CA ILE A 201 17.39 14.28 -23.34
C ILE A 201 17.38 13.24 -24.46
N ASN A 202 18.53 13.06 -25.11
CA ASN A 202 18.68 12.08 -26.19
C ASN A 202 19.48 10.90 -25.66
N PHE A 203 18.90 10.15 -24.74
CA PHE A 203 19.56 9.01 -24.11
C PHE A 203 20.62 9.53 -23.15
N ARG A 204 20.84 10.83 -23.22
CA ARG A 204 21.80 11.54 -22.39
C ARG A 204 21.21 11.75 -21.00
N ARG A 205 21.78 11.06 -20.02
CA ARG A 205 21.33 11.16 -18.65
C ARG A 205 22.13 12.23 -17.90
N LEU A 206 21.42 13.15 -17.26
CA LEU A 206 22.08 14.22 -16.52
C LEU A 206 22.99 13.67 -15.44
N SER A 207 24.17 14.26 -15.31
CA SER A 207 25.13 13.81 -14.32
C SER A 207 24.63 14.11 -12.91
N GLU A 208 25.20 13.41 -11.95
CA GLU A 208 24.82 13.62 -10.56
C GLU A 208 25.22 15.03 -10.19
N GLY A 209 26.25 15.55 -10.87
CA GLY A 209 26.71 16.90 -10.60
C GLY A 209 25.76 17.95 -11.15
N ASP A 210 25.21 17.69 -12.34
CA ASP A 210 24.28 18.63 -12.95
C ASP A 210 22.96 18.66 -12.18
N LEU A 211 22.50 17.49 -11.75
CA LEU A 211 21.27 17.39 -10.98
C LEU A 211 21.41 18.27 -9.74
N PHE A 212 22.57 18.18 -9.11
CA PHE A 212 22.88 18.98 -7.92
C PHE A 212 22.73 20.47 -8.26
N THR A 213 23.37 20.88 -9.35
CA THR A 213 23.33 22.27 -9.80
C THR A 213 21.89 22.72 -10.09
N GLN A 214 21.12 21.85 -10.72
CA GLN A 214 19.73 22.17 -11.04
C GLN A 214 18.88 22.29 -9.78
N LEU A 215 19.13 21.42 -8.81
CA LEU A 215 18.39 21.44 -7.56
C LEU A 215 18.59 22.77 -6.86
N ARG A 216 19.82 23.29 -6.91
CA ARG A 216 20.14 24.57 -6.29
C ARG A 216 19.34 25.70 -6.94
N LYS A 217 19.21 25.67 -8.27
CA LYS A 217 18.45 26.69 -8.97
C LYS A 217 16.99 26.62 -8.53
N ILE A 218 16.51 25.41 -8.28
CA ILE A 218 15.14 25.20 -7.86
C ILE A 218 14.88 25.73 -6.46
N VAL A 219 15.81 25.48 -5.55
CA VAL A 219 15.66 25.96 -4.19
C VAL A 219 15.68 27.49 -4.18
N LYS A 220 16.47 28.07 -5.07
CA LYS A 220 16.56 29.53 -5.16
C LYS A 220 15.24 30.12 -5.65
N MET A 221 14.72 29.58 -6.75
CA MET A 221 13.47 30.08 -7.30
C MET A 221 12.29 29.86 -6.37
N ALA A 222 12.25 28.68 -5.76
CA ALA A 222 11.16 28.34 -4.84
C ALA A 222 11.08 29.29 -3.65
N SER A 223 12.19 29.98 -3.39
CA SER A 223 12.26 30.92 -2.27
C SER A 223 11.95 32.36 -2.68
N ASN A 224 11.42 32.54 -3.88
CA ASN A 224 11.08 33.89 -4.36
C ASN A 224 9.60 34.17 -4.11
N ALA A 225 9.33 35.05 -3.15
CA ALA A 225 7.95 35.41 -2.81
C ALA A 225 7.16 36.02 -3.96
N ALA A 226 7.84 36.81 -4.79
CA ALA A 226 7.16 37.45 -5.92
C ALA A 226 6.66 36.46 -6.95
N ALA A 227 7.20 35.25 -6.93
CA ALA A 227 6.81 34.22 -7.89
C ALA A 227 6.09 33.03 -7.25
N ARG A 228 5.93 33.08 -5.93
CA ARG A 228 5.27 32.00 -5.21
C ARG A 228 3.84 31.81 -5.67
N LEU A 229 3.52 30.59 -6.11
CA LEU A 229 2.17 30.29 -6.60
C LEU A 229 1.35 29.53 -5.54
N PRO A 230 0.03 29.40 -5.75
CA PRO A 230 -0.82 28.69 -4.79
C PRO A 230 -0.37 27.24 -4.62
N PRO A 231 -0.55 26.65 -3.42
CA PRO A 231 -0.15 25.26 -3.17
C PRO A 231 -1.15 24.25 -3.74
N ILE A 232 -1.24 24.20 -5.06
CA ILE A 232 -2.16 23.32 -5.76
C ILE A 232 -2.08 21.85 -5.36
N GLY A 233 -0.88 21.39 -5.01
CA GLY A 233 -0.72 20.00 -4.60
C GLY A 233 -1.63 19.60 -3.44
N LEU A 234 -1.99 20.59 -2.63
CA LEU A 234 -2.86 20.38 -1.48
C LEU A 234 -4.17 19.73 -1.91
N LEU A 235 -4.63 20.10 -3.11
CA LEU A 235 -5.88 19.56 -3.65
C LEU A 235 -5.87 18.04 -3.84
N THR A 236 -4.70 17.48 -4.16
CA THR A 236 -4.57 16.05 -4.39
C THR A 236 -4.62 15.24 -3.09
N SER A 237 -4.64 15.92 -1.96
CA SER A 237 -4.69 15.25 -0.66
C SER A 237 -6.13 15.07 -0.17
N ASP A 238 -7.08 15.61 -0.92
CA ASP A 238 -8.49 15.57 -0.55
C ASP A 238 -9.19 14.29 -1.00
N GLY A 239 -10.48 14.18 -0.69
CA GLY A 239 -11.24 13.01 -1.10
C GLY A 239 -11.18 12.93 -2.61
N ARG A 240 -11.32 11.74 -3.17
CA ARG A 240 -11.25 11.59 -4.62
C ARG A 240 -12.32 12.36 -5.40
N SER A 241 -13.55 12.43 -4.86
CA SER A 241 -14.60 13.17 -5.54
C SER A 241 -14.34 14.68 -5.42
N GLU A 242 -13.77 15.08 -4.29
CA GLU A 242 -13.45 16.50 -4.08
C GLU A 242 -12.38 16.96 -5.06
N TRP A 243 -11.29 16.19 -5.14
CA TRP A 243 -10.19 16.50 -6.04
C TRP A 243 -10.66 16.50 -7.50
N ALA A 244 -11.55 15.58 -7.85
CA ALA A 244 -12.05 15.51 -9.22
C ALA A 244 -12.79 16.79 -9.57
N GLU A 245 -13.50 17.33 -8.59
CA GLU A 245 -14.26 18.56 -8.81
C GLU A 245 -13.32 19.75 -8.93
N ALA A 246 -12.36 19.86 -8.01
CA ALA A 246 -11.41 20.96 -8.05
C ALA A 246 -10.57 20.91 -9.31
N ARG A 247 -10.16 19.70 -9.70
CA ARG A 247 -9.35 19.54 -10.91
C ARG A 247 -10.14 19.98 -12.12
N THR A 248 -11.43 19.67 -12.14
CA THR A 248 -12.30 20.04 -13.24
C THR A 248 -12.31 21.56 -13.42
N VAL A 249 -12.17 22.28 -12.31
CA VAL A 249 -12.15 23.73 -12.35
C VAL A 249 -10.84 24.14 -13.01
N LEU A 250 -9.74 23.60 -12.50
CA LEU A 250 -8.41 23.90 -13.02
C LEU A 250 -8.31 23.71 -14.53
N VAL A 251 -8.78 22.56 -15.01
CA VAL A 251 -8.72 22.23 -16.43
C VAL A 251 -9.38 23.22 -17.39
N LYS A 252 -10.21 24.11 -16.86
CA LYS A 252 -10.87 25.11 -17.70
C LYS A 252 -9.85 26.04 -18.35
N ASP A 253 -8.68 26.19 -17.71
CA ASP A 253 -7.63 27.06 -18.22
C ASP A 253 -6.48 26.33 -18.88
N SER A 254 -5.95 26.94 -19.94
CA SER A 254 -4.85 26.41 -20.73
C SER A 254 -3.54 26.24 -19.97
N THR A 255 -3.23 27.17 -19.09
CA THR A 255 -2.01 27.12 -18.31
C THR A 255 -2.04 25.95 -17.33
N ASN A 256 -3.19 25.73 -16.71
CA ASN A 256 -3.33 24.64 -15.76
C ASN A 256 -3.27 23.29 -16.45
N ARG A 257 -3.91 23.19 -17.62
CA ARG A 257 -3.89 21.94 -18.35
C ARG A 257 -2.46 21.54 -18.69
N ASP A 258 -1.65 22.53 -19.03
CA ASP A 258 -0.25 22.29 -19.37
C ASP A 258 0.54 21.83 -18.17
N SER A 259 0.33 22.47 -17.02
CA SER A 259 1.05 22.10 -15.81
C SER A 259 0.66 20.70 -15.33
N LEU A 260 -0.65 20.43 -15.30
CA LEU A 260 -1.14 19.13 -14.87
C LEU A 260 -0.57 18.04 -15.77
N ASP A 261 -0.48 18.32 -17.07
CA ASP A 261 0.04 17.36 -18.03
C ASP A 261 1.50 17.00 -17.73
N MET A 262 2.30 18.00 -17.37
CA MET A 262 3.70 17.76 -17.06
C MET A 262 3.84 16.88 -15.83
N ILE A 263 2.91 17.04 -14.89
CA ILE A 263 2.93 16.25 -13.66
C ILE A 263 2.48 14.83 -13.96
N GLU A 264 1.46 14.72 -14.79
CA GLU A 264 0.90 13.43 -15.19
C GLU A 264 1.89 12.60 -16.01
N ARG A 265 2.89 13.26 -16.60
CA ARG A 265 3.87 12.56 -17.42
C ARG A 265 5.29 12.52 -16.85
N CYS A 266 5.46 12.91 -15.59
CA CYS A 266 6.78 12.89 -14.99
C CYS A 266 7.13 11.47 -14.59
N ILE A 267 8.41 11.24 -14.29
CA ILE A 267 8.88 9.93 -13.89
C ILE A 267 8.46 9.68 -12.43
N CYS A 268 8.54 10.73 -11.62
CA CYS A 268 8.20 10.67 -10.22
C CYS A 268 8.43 12.07 -9.65
N LEU A 269 8.12 12.23 -8.37
CA LEU A 269 8.32 13.50 -7.71
C LEU A 269 9.45 13.39 -6.71
N VAL A 270 10.19 14.47 -6.56
CA VAL A 270 11.23 14.55 -5.54
C VAL A 270 10.90 15.81 -4.71
N CYS A 271 10.41 15.52 -3.51
CA CYS A 271 9.96 16.48 -2.55
C CYS A 271 11.03 16.96 -1.58
N LEU A 272 11.45 18.22 -1.74
CA LEU A 272 12.46 18.80 -0.86
C LEU A 272 11.72 19.44 0.29
N ASP A 273 11.34 18.62 1.26
CA ASP A 273 10.58 19.07 2.41
C ASP A 273 11.32 20.00 3.38
N ALA A 274 10.56 20.91 3.97
CA ALA A 274 11.08 21.84 4.95
C ALA A 274 11.35 21.05 6.24
N PRO A 275 12.16 21.60 7.14
CA PRO A 275 12.46 20.91 8.40
C PRO A 275 11.21 20.61 9.22
N GLY A 276 11.26 19.51 9.97
CA GLY A 276 10.14 19.13 10.81
C GLY A 276 10.37 19.74 12.18
N GLY A 277 9.35 20.37 12.75
CA GLY A 277 9.53 20.99 14.06
C GLY A 277 9.49 20.01 15.23
N VAL A 278 9.63 18.72 14.94
CA VAL A 278 9.59 17.70 15.99
C VAL A 278 10.81 16.78 15.96
N GLU A 279 11.00 16.02 17.04
CA GLU A 279 12.12 15.08 17.11
C GLU A 279 11.98 14.11 15.94
N LEU A 280 13.10 13.59 15.45
CA LEU A 280 13.06 12.69 14.31
C LEU A 280 13.04 11.20 14.63
N SER A 281 12.11 10.79 15.48
CA SER A 281 11.98 9.37 15.83
C SER A 281 11.32 8.69 14.64
N ASP A 282 11.45 7.37 14.55
CA ASP A 282 10.86 6.64 13.43
C ASP A 282 9.39 6.99 13.26
N THR A 283 8.66 7.05 14.38
CA THR A 283 7.24 7.38 14.36
C THR A 283 6.97 8.74 13.73
N HIS A 284 7.75 9.74 14.10
CA HIS A 284 7.57 11.08 13.57
C HIS A 284 7.94 11.18 12.11
N ARG A 285 9.02 10.52 11.71
CA ARG A 285 9.44 10.55 10.31
C ARG A 285 8.36 9.89 9.45
N ALA A 286 7.81 8.80 9.96
CA ALA A 286 6.76 8.08 9.24
C ALA A 286 5.53 8.96 9.03
N LEU A 287 5.23 9.80 10.01
CA LEU A 287 4.09 10.70 9.93
C LEU A 287 4.29 11.74 8.81
N GLN A 288 5.50 12.26 8.68
CA GLN A 288 5.78 13.23 7.63
C GLN A 288 5.61 12.54 6.27
N LEU A 289 6.10 11.31 6.18
CA LEU A 289 6.00 10.56 4.93
C LEU A 289 4.57 10.20 4.58
N LEU A 290 3.74 9.98 5.60
CA LEU A 290 2.35 9.61 5.37
C LEU A 290 1.45 10.77 4.95
N HIS A 291 1.54 11.90 5.65
CA HIS A 291 0.70 13.04 5.30
C HIS A 291 1.41 14.40 5.35
N GLY A 292 2.73 14.37 5.41
CA GLY A 292 3.50 15.61 5.43
C GLY A 292 3.27 16.50 6.63
N GLY A 293 2.43 16.05 7.56
CA GLY A 293 2.17 16.84 8.75
C GLY A 293 1.11 17.91 8.59
N GLY A 294 0.41 17.94 7.46
CA GLY A 294 -0.62 18.94 7.25
C GLY A 294 -0.08 20.17 6.53
N TYR A 295 -0.97 21.04 6.05
CA TYR A 295 -0.57 22.23 5.30
C TYR A 295 0.47 23.10 5.99
N SER A 296 0.40 23.22 7.31
CA SER A 296 1.36 24.05 8.03
C SER A 296 2.77 23.51 7.92
N LYS A 297 2.93 22.27 7.47
CA LYS A 297 4.26 21.71 7.36
C LYS A 297 4.64 21.40 5.90
N ASN A 298 4.52 20.14 5.52
CA ASN A 298 4.86 19.69 4.16
C ASN A 298 3.68 19.01 3.48
N GLY A 299 2.50 19.12 4.10
CA GLY A 299 1.32 18.48 3.55
C GLY A 299 0.92 18.95 2.16
N ALA A 300 1.42 20.10 1.75
CA ALA A 300 1.12 20.65 0.43
C ALA A 300 2.25 20.43 -0.55
N ASN A 301 3.40 20.02 -0.04
CA ASN A 301 4.59 19.78 -0.86
C ASN A 301 4.50 18.36 -1.43
N ARG A 302 3.35 18.05 -2.02
CA ARG A 302 3.09 16.73 -2.56
C ARG A 302 2.14 16.74 -3.75
N TRP A 303 2.03 15.59 -4.39
CA TRP A 303 1.14 15.36 -5.52
C TRP A 303 0.84 13.91 -5.48
N TYR A 304 -0.26 13.59 -4.81
CA TYR A 304 -0.61 12.17 -4.55
C TYR A 304 -0.98 11.32 -5.76
N ASP A 305 -1.58 11.90 -6.78
CA ASP A 305 -1.94 11.06 -7.91
C ASP A 305 -0.76 10.31 -8.51
N LYS A 306 0.43 10.89 -8.44
CA LYS A 306 1.63 10.28 -9.02
C LYS A 306 2.11 9.15 -8.11
N SER A 307 2.44 8.03 -8.74
CA SER A 307 2.86 6.82 -8.05
C SER A 307 3.98 6.91 -7.00
N LEU A 308 5.13 7.46 -7.37
CA LEU A 308 6.24 7.58 -6.43
C LEU A 308 6.62 9.01 -6.13
N GLN A 309 6.62 9.34 -4.85
CA GLN A 309 7.01 10.67 -4.38
C GLN A 309 8.16 10.46 -3.43
N PHE A 310 9.38 10.70 -3.89
CA PHE A 310 10.53 10.53 -3.00
C PHE A 310 10.70 11.81 -2.19
N VAL A 311 10.72 11.67 -0.87
CA VAL A 311 10.88 12.79 0.02
C VAL A 311 12.31 12.89 0.51
N VAL A 312 12.90 14.08 0.40
CA VAL A 312 14.26 14.33 0.86
C VAL A 312 14.19 15.58 1.71
N GLY A 313 13.93 15.40 3.00
CA GLY A 313 13.79 16.52 3.91
C GLY A 313 15.08 17.23 4.29
N ARG A 314 14.99 18.54 4.45
CA ARG A 314 16.13 19.37 4.81
C ARG A 314 16.76 18.87 6.11
N ASP A 315 15.93 18.37 7.01
CA ASP A 315 16.39 17.89 8.29
C ASP A 315 16.87 16.44 8.34
N GLY A 316 16.82 15.73 7.22
CA GLY A 316 17.28 14.36 7.20
C GLY A 316 16.20 13.29 7.12
N THR A 317 14.93 13.72 7.05
CA THR A 317 13.82 12.79 6.94
C THR A 317 13.62 12.48 5.45
N CYS A 318 13.88 11.22 5.07
CA CYS A 318 13.77 10.79 3.69
C CYS A 318 12.95 9.51 3.53
N GLY A 319 12.40 9.33 2.34
CA GLY A 319 11.61 8.15 2.05
C GLY A 319 10.78 8.33 0.80
N VAL A 320 9.81 7.46 0.60
CA VAL A 320 8.96 7.57 -0.56
C VAL A 320 7.51 7.31 -0.23
N VAL A 321 6.63 8.14 -0.78
CA VAL A 321 5.19 8.00 -0.62
C VAL A 321 4.74 7.27 -1.87
N CYS A 322 3.99 6.20 -1.69
CA CYS A 322 3.56 5.40 -2.83
C CYS A 322 2.05 5.34 -3.03
N GLU A 323 1.64 5.66 -4.27
CA GLU A 323 0.25 5.51 -4.65
C GLU A 323 0.10 3.99 -4.92
N HIS A 324 -0.87 3.39 -4.28
CA HIS A 324 -1.06 1.96 -4.33
C HIS A 324 -1.67 1.28 -5.56
N SER A 325 -2.49 2.00 -6.33
CA SER A 325 -3.22 1.39 -7.45
C SER A 325 -2.36 0.67 -8.50
N PRO A 326 -1.18 1.23 -8.88
CA PRO A 326 -0.31 0.62 -9.90
C PRO A 326 0.47 -0.64 -9.51
N PHE A 327 0.91 -0.72 -8.27
CA PHE A 327 1.68 -1.88 -7.84
C PHE A 327 1.64 -2.06 -6.33
N ASP A 328 2.06 -3.24 -5.87
CA ASP A 328 2.05 -3.52 -4.45
C ASP A 328 3.41 -3.40 -3.77
N GLY A 329 3.41 -3.65 -2.46
CA GLY A 329 4.58 -3.52 -1.59
C GLY A 329 5.87 -4.26 -2.01
N ILE A 330 5.78 -5.50 -2.44
CA ILE A 330 6.98 -6.24 -2.82
C ILE A 330 7.77 -5.54 -3.92
N VAL A 331 7.10 -5.19 -5.01
CA VAL A 331 7.76 -4.51 -6.11
C VAL A 331 8.32 -3.17 -5.62
N LEU A 332 7.52 -2.46 -4.82
CA LEU A 332 7.94 -1.17 -4.29
C LEU A 332 9.27 -1.29 -3.53
N VAL A 333 9.37 -2.31 -2.68
CA VAL A 333 10.58 -2.52 -1.88
C VAL A 333 11.79 -2.90 -2.72
N GLN A 334 11.59 -3.75 -3.72
CA GLN A 334 12.68 -4.16 -4.60
C GLN A 334 13.29 -2.93 -5.23
N CYS A 335 12.42 -2.05 -5.73
CA CYS A 335 12.86 -0.82 -6.36
C CYS A 335 13.60 0.04 -5.35
N THR A 336 12.92 0.40 -4.28
CA THR A 336 13.51 1.27 -3.24
C THR A 336 14.83 0.77 -2.69
N GLU A 337 14.94 -0.53 -2.43
CA GLU A 337 16.19 -1.05 -1.91
C GLU A 337 17.30 -1.03 -2.96
N HIS A 338 16.91 -1.17 -4.23
CA HIS A 338 17.90 -1.12 -5.30
C HIS A 338 18.46 0.30 -5.36
N LEU A 339 17.57 1.28 -5.31
CA LEU A 339 17.97 2.69 -5.35
C LEU A 339 18.94 2.97 -4.19
N LEU A 340 18.52 2.63 -2.98
CA LEU A 340 19.33 2.86 -1.78
C LEU A 340 20.70 2.18 -1.87
N LYS A 341 20.73 0.96 -2.39
CA LYS A 341 21.99 0.26 -2.52
C LYS A 341 22.86 0.94 -3.56
N HIS A 342 22.24 1.44 -4.63
CA HIS A 342 22.93 2.11 -5.67
C HIS A 342 23.59 3.42 -5.17
N MET A 343 22.93 4.05 -4.21
CA MET A 343 23.46 5.27 -3.62
C MET A 343 24.69 4.93 -2.81
N THR A 344 24.88 3.64 -2.55
CA THR A 344 26.01 3.13 -1.79
C THR A 344 27.22 2.94 -2.70
N GLN A 345 26.97 2.40 -3.88
CA GLN A 345 28.02 2.15 -4.86
C GLN A 345 28.64 3.48 -5.31
N PRO A 346 29.98 3.55 -5.34
CA PRO A 346 30.73 4.75 -5.73
C PRO A 346 30.10 5.50 -6.91
N GLU A 347 30.18 6.82 -6.86
CA GLU A 347 29.64 7.67 -7.91
C GLU A 347 30.14 7.23 -9.29
N LEU A 348 29.22 7.06 -10.21
CA LEU A 348 29.56 6.64 -11.58
C LEU A 348 30.53 7.62 -12.23
N VAL A 349 30.96 7.31 -13.45
CA VAL A 349 31.91 8.16 -14.17
C VAL A 349 31.23 9.28 -14.97
N ARG A 350 30.86 8.98 -16.20
CA ARG A 350 30.21 9.95 -17.07
C ARG A 350 29.34 10.94 -16.29
N SER A 351 29.67 12.22 -16.42
CA SER A 351 28.94 13.27 -15.71
C SER A 351 29.15 14.67 -16.30
N PRO A 352 30.01 14.79 -17.34
CA PRO A 352 30.21 16.12 -17.89
C PRO A 352 29.24 16.50 -19.02
N MET A 353 28.70 17.71 -18.92
CA MET A 353 27.77 18.24 -19.92
C MET A 353 27.81 19.77 -19.81
N VAL A 354 27.50 20.52 -20.86
CA VAL A 354 27.67 21.97 -20.68
C VAL A 354 26.34 22.77 -20.63
N PRO A 355 25.84 23.31 -21.77
CA PRO A 355 24.61 24.10 -21.75
C PRO A 355 23.56 23.47 -20.83
N LEU A 356 23.28 24.11 -19.68
CA LEU A 356 22.33 23.59 -18.65
C LEU A 356 21.14 24.51 -18.41
N PRO A 357 20.03 24.31 -19.15
CA PRO A 357 18.83 25.14 -19.02
C PRO A 357 18.28 25.09 -17.59
N ALA A 358 17.72 26.21 -17.14
CA ALA A 358 17.17 26.28 -15.80
C ALA A 358 15.85 25.53 -15.70
N PRO A 359 15.62 24.84 -14.58
CA PRO A 359 14.37 24.10 -14.39
C PRO A 359 13.18 25.05 -14.49
N ARG A 360 12.12 24.59 -15.14
CA ARG A 360 10.93 25.41 -15.33
C ARG A 360 9.89 25.24 -14.23
N ARG A 361 9.44 26.36 -13.66
CA ARG A 361 8.43 26.33 -12.61
C ARG A 361 7.07 26.15 -13.27
N LEU A 362 6.23 25.30 -12.70
CA LEU A 362 4.91 25.07 -13.26
C LEU A 362 3.96 26.17 -12.82
N ARG A 363 3.39 26.87 -13.79
CA ARG A 363 2.48 27.97 -13.49
C ARG A 363 1.03 27.49 -13.30
N TRP A 364 0.28 28.28 -12.55
CA TRP A 364 -1.12 27.98 -12.28
C TRP A 364 -1.98 29.24 -12.44
N LYS A 365 -3.17 29.06 -13.02
CA LYS A 365 -4.10 30.16 -13.21
C LYS A 365 -5.18 30.02 -12.14
N CYS A 366 -4.98 30.71 -11.02
CA CYS A 366 -5.89 30.67 -9.88
C CYS A 366 -7.22 31.39 -10.13
N SER A 367 -8.07 31.40 -9.10
CA SER A 367 -9.37 32.02 -9.18
C SER A 367 -10.07 31.88 -7.83
N PRO A 368 -11.19 32.60 -7.63
CA PRO A 368 -11.93 32.55 -6.37
C PRO A 368 -12.29 31.12 -5.99
N GLU A 369 -12.72 30.35 -6.97
CA GLU A 369 -13.10 28.95 -6.75
C GLU A 369 -11.96 28.15 -6.15
N ILE A 370 -10.84 28.10 -6.86
CA ILE A 370 -9.68 27.36 -6.42
C ILE A 370 -9.28 27.69 -4.99
N GLN A 371 -9.35 28.97 -4.63
CA GLN A 371 -9.00 29.39 -3.29
C GLN A 371 -9.95 28.72 -2.29
N GLY A 372 -11.21 28.58 -2.70
CA GLY A 372 -12.19 27.94 -1.85
C GLY A 372 -11.87 26.46 -1.67
N HIS A 373 -11.43 25.84 -2.76
CA HIS A 373 -11.06 24.42 -2.75
C HIS A 373 -9.81 24.21 -1.91
N LEU A 374 -8.87 25.14 -2.01
CA LEU A 374 -7.62 25.07 -1.26
C LEU A 374 -7.91 25.09 0.24
N ALA A 375 -8.76 26.02 0.68
CA ALA A 375 -9.13 26.13 2.08
C ALA A 375 -9.80 24.85 2.57
N SER A 376 -10.71 24.30 1.77
CA SER A 376 -11.39 23.05 2.16
C SER A 376 -10.41 21.90 2.31
N SER A 377 -9.54 21.73 1.32
CA SER A 377 -8.55 20.66 1.35
C SER A 377 -7.63 20.79 2.55
N ALA A 378 -7.27 22.01 2.90
CA ALA A 378 -6.39 22.25 4.04
C ALA A 378 -7.07 21.78 5.33
N GLU A 379 -8.37 22.06 5.43
CA GLU A 379 -9.15 21.65 6.60
C GLU A 379 -9.37 20.13 6.58
N LYS A 380 -9.62 19.59 5.40
CA LYS A 380 -9.83 18.15 5.27
C LYS A 380 -8.56 17.39 5.64
N LEU A 381 -7.42 17.84 5.14
CA LEU A 381 -6.16 17.20 5.42
C LEU A 381 -5.81 17.30 6.91
N GLN A 382 -6.21 18.41 7.53
CA GLN A 382 -5.93 18.60 8.96
C GLN A 382 -6.65 17.55 9.80
N ARG A 383 -7.86 17.18 9.39
CA ARG A 383 -8.61 16.16 10.11
C ARG A 383 -7.90 14.83 10.03
N ILE A 384 -7.28 14.55 8.88
CA ILE A 384 -6.56 13.29 8.71
C ILE A 384 -5.34 13.26 9.62
N VAL A 385 -4.57 14.35 9.62
CA VAL A 385 -3.38 14.45 10.45
C VAL A 385 -3.72 14.29 11.93
N LYS A 386 -4.81 14.92 12.37
CA LYS A 386 -5.22 14.83 13.77
C LYS A 386 -5.84 13.49 14.12
N ASN A 387 -6.47 12.84 13.16
CA ASN A 387 -7.14 11.57 13.40
C ASN A 387 -6.21 10.36 13.44
N LEU A 388 -5.05 10.45 12.79
CA LEU A 388 -4.14 9.33 12.75
C LEU A 388 -3.42 9.08 14.06
N ASP A 389 -3.62 7.87 14.59
CA ASP A 389 -2.95 7.39 15.76
C ASP A 389 -1.95 6.38 15.25
N PHE A 390 -0.68 6.76 15.18
CA PHE A 390 0.33 5.87 14.63
C PHE A 390 1.51 5.62 15.56
N ILE A 391 2.05 4.41 15.49
CA ILE A 391 3.21 4.08 16.29
C ILE A 391 4.09 3.03 15.65
N VAL A 392 5.40 3.22 15.82
CA VAL A 392 6.36 2.26 15.30
C VAL A 392 6.87 1.52 16.52
N TYR A 393 6.46 0.28 16.66
CA TYR A 393 6.89 -0.53 17.80
C TYR A 393 7.88 -1.59 17.36
N LYS A 394 9.03 -1.63 18.00
CA LYS A 394 10.06 -2.59 17.66
C LYS A 394 10.13 -3.69 18.70
N PHE A 395 9.64 -4.88 18.34
CA PHE A 395 9.69 -6.01 19.22
C PHE A 395 11.11 -6.54 19.23
N ASP A 396 11.81 -6.47 20.36
CA ASP A 396 13.21 -6.88 20.35
C ASP A 396 13.58 -8.12 21.17
N ASN A 397 12.61 -8.93 21.57
CA ASN A 397 12.95 -10.12 22.34
C ASN A 397 13.41 -11.26 21.43
N TYR A 398 12.87 -11.30 20.22
CA TYR A 398 13.25 -12.33 19.26
C TYR A 398 12.68 -12.02 17.88
N GLY A 399 13.05 -12.86 16.91
CA GLY A 399 12.57 -12.69 15.56
C GLY A 399 12.47 -14.02 14.82
N LYS A 400 12.74 -13.97 13.53
CA LYS A 400 12.69 -15.15 12.67
C LYS A 400 13.45 -16.36 13.21
N THR A 401 14.67 -16.14 13.66
CA THR A 401 15.52 -17.20 14.20
C THR A 401 14.77 -18.03 15.23
N PHE A 402 14.27 -17.40 16.28
CA PHE A 402 13.53 -18.14 17.30
C PHE A 402 12.29 -18.83 16.72
N ILE A 403 11.55 -18.10 15.88
CA ILE A 403 10.33 -18.63 15.30
C ILE A 403 10.56 -19.87 14.46
N LYS A 404 11.52 -19.79 13.53
CA LYS A 404 11.82 -20.93 12.68
C LYS A 404 12.25 -22.15 13.50
N LYS A 405 12.86 -21.91 14.66
CA LYS A 405 13.26 -23.02 15.53
C LYS A 405 12.02 -23.72 16.12
N GLN A 406 10.84 -23.12 15.94
CA GLN A 406 9.61 -23.73 16.43
C GLN A 406 8.89 -24.43 15.28
N LYS A 407 9.57 -24.54 14.14
CA LYS A 407 8.99 -25.17 12.96
C LYS A 407 7.75 -24.42 12.53
N CYS A 408 7.86 -23.10 12.48
CA CYS A 408 6.75 -22.26 12.08
C CYS A 408 7.25 -21.21 11.12
N SER A 409 6.39 -20.84 10.18
CA SER A 409 6.70 -19.78 9.27
C SER A 409 6.63 -18.50 10.10
N PRO A 410 7.57 -17.58 9.97
CA PRO A 410 7.52 -16.37 10.76
C PRO A 410 6.23 -15.60 10.50
N ASP A 411 5.81 -15.54 9.25
CA ASP A 411 4.58 -14.85 8.87
C ASP A 411 3.36 -15.41 9.54
N ALA A 412 3.18 -16.73 9.49
CA ALA A 412 2.02 -17.37 10.13
C ALA A 412 2.04 -17.16 11.64
N PHE A 413 3.24 -17.21 12.19
CA PHE A 413 3.44 -17.03 13.62
C PHE A 413 3.03 -15.62 14.04
N ILE A 414 3.44 -14.63 13.26
CA ILE A 414 3.10 -13.24 13.54
C ILE A 414 1.61 -12.98 13.30
N GLN A 415 1.05 -13.55 12.24
CA GLN A 415 -0.37 -13.38 11.95
C GLN A 415 -1.20 -13.91 13.12
N VAL A 416 -0.75 -15.00 13.72
CA VAL A 416 -1.46 -15.58 14.85
C VAL A 416 -1.32 -14.68 16.08
N ALA A 417 -0.15 -14.06 16.24
CA ALA A 417 0.10 -13.17 17.36
C ALA A 417 -0.83 -11.96 17.28
N LEU A 418 -1.02 -11.47 16.05
CA LEU A 418 -1.90 -10.31 15.83
C LEU A 418 -3.33 -10.64 16.21
N GLN A 419 -3.75 -11.86 15.94
CA GLN A 419 -5.10 -12.31 16.26
C GLN A 419 -5.27 -12.36 17.79
N LEU A 420 -4.22 -12.79 18.48
CA LEU A 420 -4.27 -12.87 19.93
C LEU A 420 -4.26 -11.47 20.50
N ALA A 421 -3.45 -10.59 19.91
CA ALA A 421 -3.37 -9.21 20.38
C ALA A 421 -4.75 -8.55 20.26
N PHE A 422 -5.39 -8.70 19.10
CA PHE A 422 -6.71 -8.09 18.90
C PHE A 422 -7.74 -8.68 19.86
N TYR A 423 -7.69 -9.99 20.07
CA TYR A 423 -8.63 -10.64 20.96
C TYR A 423 -8.47 -10.28 22.44
N ARG A 424 -7.24 -10.28 22.93
CA ARG A 424 -7.00 -9.96 24.34
C ARG A 424 -7.33 -8.51 24.64
N LEU A 425 -7.27 -7.66 23.62
CA LEU A 425 -7.55 -6.24 23.80
C LEU A 425 -9.03 -5.93 23.59
N HIS A 426 -9.59 -6.43 22.49
CA HIS A 426 -10.98 -6.14 22.17
C HIS A 426 -12.00 -7.22 22.47
N ARG A 427 -11.54 -8.42 22.80
CA ARG A 427 -12.46 -9.50 23.16
C ARG A 427 -13.30 -10.09 22.04
N ARG A 428 -12.77 -10.02 20.82
CA ARG A 428 -13.44 -10.60 19.68
C ARG A 428 -12.44 -10.64 18.55
N LEU A 429 -12.67 -11.56 17.60
CA LEU A 429 -11.89 -11.60 16.41
C LEU A 429 -12.73 -10.91 15.32
N VAL A 430 -12.08 -10.31 14.32
CA VAL A 430 -12.81 -9.59 13.30
C VAL A 430 -12.30 -9.99 11.93
N PRO A 431 -13.10 -9.74 10.87
CA PRO A 431 -12.63 -10.10 9.53
C PRO A 431 -11.27 -9.44 9.38
N THR A 432 -10.26 -10.23 9.09
CA THR A 432 -8.91 -9.71 8.96
C THR A 432 -8.41 -9.86 7.53
N TYR A 433 -7.60 -8.90 7.10
CA TYR A 433 -7.03 -8.92 5.77
C TYR A 433 -5.51 -9.06 5.83
N GLU A 434 -4.98 -9.89 4.95
CA GLU A 434 -3.54 -10.04 4.82
C GLU A 434 -3.30 -10.24 3.34
N SER A 435 -2.53 -9.35 2.76
CA SER A 435 -2.20 -9.41 1.34
C SER A 435 -1.50 -10.72 1.04
N ALA A 436 -1.93 -11.37 -0.03
CA ALA A 436 -1.34 -12.62 -0.49
C ALA A 436 -1.05 -12.40 -1.97
N SER A 437 0.23 -12.45 -2.34
CA SER A 437 0.61 -12.21 -3.73
C SER A 437 0.23 -13.34 -4.68
N ILE A 438 -0.33 -12.97 -5.83
CA ILE A 438 -0.70 -13.95 -6.85
C ILE A 438 0.06 -13.62 -8.13
N ARG A 439 1.29 -13.14 -7.96
CA ARG A 439 2.13 -12.76 -9.11
C ARG A 439 2.58 -13.95 -9.93
N ARG A 440 2.17 -15.15 -9.52
CA ARG A 440 2.52 -16.36 -10.27
C ARG A 440 1.67 -16.37 -11.53
N PHE A 441 0.57 -15.63 -11.50
CA PHE A 441 -0.33 -15.58 -12.64
C PHE A 441 -0.29 -14.24 -13.35
N GLN A 442 -0.57 -14.28 -14.65
CA GLN A 442 -0.55 -13.08 -15.47
C GLN A 442 -1.24 -11.91 -14.79
N GLU A 443 -0.57 -10.77 -14.81
CA GLU A 443 -1.07 -9.51 -14.22
C GLU A 443 -1.45 -9.65 -12.76
N GLY A 444 -1.04 -10.77 -12.16
CA GLY A 444 -1.37 -11.04 -10.78
C GLY A 444 -1.00 -9.95 -9.80
N ARG A 445 -2.00 -9.51 -9.05
CA ARG A 445 -1.77 -8.50 -8.01
C ARG A 445 -1.86 -9.23 -6.67
N VAL A 446 -2.99 -9.17 -5.99
CA VAL A 446 -3.10 -9.87 -4.70
C VAL A 446 -4.48 -10.44 -4.45
N ASP A 447 -4.55 -11.37 -3.50
CA ASP A 447 -5.81 -11.93 -3.04
C ASP A 447 -5.75 -11.84 -1.52
N ASN A 448 -6.81 -12.23 -0.83
CA ASN A 448 -6.81 -12.08 0.63
C ASN A 448 -6.61 -13.37 1.41
N ILE A 449 -5.78 -13.26 2.45
CA ILE A 449 -5.55 -14.32 3.41
C ILE A 449 -6.38 -13.92 4.64
N ARG A 450 -7.43 -14.70 4.90
CA ARG A 450 -8.31 -14.41 6.03
C ARG A 450 -7.80 -15.07 7.29
N SER A 451 -6.99 -14.32 8.03
CA SER A 451 -6.32 -14.82 9.22
C SER A 451 -7.17 -15.07 10.47
N ALA A 452 -8.40 -14.54 10.51
CA ALA A 452 -9.28 -14.75 11.66
C ALA A 452 -9.95 -16.11 11.47
N THR A 453 -9.14 -17.17 11.48
CA THR A 453 -9.63 -18.52 11.30
C THR A 453 -10.29 -19.10 12.54
N PRO A 454 -10.98 -20.23 12.38
CA PRO A 454 -11.64 -20.89 13.51
C PRO A 454 -10.59 -21.39 14.51
N GLU A 455 -9.43 -21.81 13.99
CA GLU A 455 -8.33 -22.29 14.85
C GLU A 455 -7.79 -21.15 15.70
N ALA A 456 -7.65 -19.97 15.10
CA ALA A 456 -7.15 -18.81 15.83
C ALA A 456 -8.10 -18.50 16.97
N LEU A 457 -9.40 -18.55 16.69
CA LEU A 457 -10.39 -18.27 17.71
C LEU A 457 -10.26 -19.23 18.90
N ALA A 458 -10.12 -20.52 18.62
CA ALA A 458 -9.98 -21.50 19.67
C ALA A 458 -8.71 -21.23 20.48
N PHE A 459 -7.65 -20.79 19.79
CA PHE A 459 -6.40 -20.47 20.44
C PHE A 459 -6.47 -19.24 21.34
N VAL A 460 -7.00 -18.15 20.80
CA VAL A 460 -7.10 -16.91 21.58
C VAL A 460 -8.04 -17.07 22.76
N ARG A 461 -9.10 -17.85 22.60
CA ARG A 461 -10.05 -18.07 23.69
C ARG A 461 -9.39 -18.87 24.82
N ALA A 462 -8.66 -19.91 24.45
CA ALA A 462 -7.97 -20.73 25.43
C ALA A 462 -6.97 -19.89 26.22
N VAL A 463 -6.34 -18.93 25.55
CA VAL A 463 -5.36 -18.05 26.18
C VAL A 463 -5.99 -17.00 27.10
N THR A 464 -7.01 -16.32 26.61
CA THR A 464 -7.68 -15.26 27.35
C THR A 464 -8.73 -15.66 28.40
N ASP A 465 -9.36 -16.81 28.21
CA ASP A 465 -10.39 -17.27 29.15
C ASP A 465 -9.79 -17.90 30.41
N HIS A 466 -9.36 -17.06 31.35
CA HIS A 466 -8.77 -17.55 32.60
C HIS A 466 -9.64 -18.63 33.24
N LYS A 467 -10.95 -18.36 33.34
CA LYS A 467 -11.88 -19.30 33.94
C LYS A 467 -11.80 -20.72 33.38
N ALA A 468 -11.54 -20.83 32.07
CA ALA A 468 -11.46 -22.15 31.45
C ALA A 468 -10.29 -22.98 32.01
N ALA A 469 -9.22 -22.30 32.41
CA ALA A 469 -8.03 -22.96 32.97
C ALA A 469 -7.44 -24.00 32.04
N VAL A 470 -7.34 -23.65 30.76
CA VAL A 470 -6.78 -24.58 29.79
C VAL A 470 -5.28 -24.76 30.06
N PRO A 471 -4.82 -26.02 30.16
CA PRO A 471 -3.42 -26.37 30.40
C PRO A 471 -2.53 -25.74 29.33
N ALA A 472 -1.35 -25.30 29.73
CA ALA A 472 -0.42 -24.69 28.78
C ALA A 472 -0.14 -25.64 27.63
N SER A 473 0.05 -26.92 27.95
CA SER A 473 0.34 -27.92 26.92
C SER A 473 -0.77 -27.94 25.86
N GLU A 474 -2.01 -27.72 26.28
CA GLU A 474 -3.13 -27.70 25.35
C GLU A 474 -3.13 -26.39 24.56
N LYS A 475 -2.73 -25.30 25.22
CA LYS A 475 -2.65 -24.01 24.56
C LYS A 475 -1.63 -24.10 23.43
N LEU A 476 -0.54 -24.84 23.69
CA LEU A 476 0.51 -24.99 22.69
C LEU A 476 0.01 -25.75 21.46
N LEU A 477 -0.79 -26.79 21.67
CA LEU A 477 -1.32 -27.56 20.54
C LEU A 477 -2.27 -26.67 19.75
N LEU A 478 -3.04 -25.85 20.46
CA LEU A 478 -3.98 -24.96 19.79
C LEU A 478 -3.18 -23.91 19.02
N LEU A 479 -2.07 -23.48 19.60
CA LEU A 479 -1.21 -22.49 18.96
C LEU A 479 -0.70 -23.07 17.64
N LYS A 480 -0.09 -24.25 17.70
CA LYS A 480 0.44 -24.87 16.48
C LYS A 480 -0.63 -25.16 15.44
N ASP A 481 -1.83 -25.49 15.88
CA ASP A 481 -2.91 -25.77 14.92
C ASP A 481 -3.35 -24.48 14.24
N ALA A 482 -3.28 -23.36 14.96
CA ALA A 482 -3.68 -22.07 14.41
C ALA A 482 -2.64 -21.65 13.37
N ILE A 483 -1.36 -21.88 13.69
CA ILE A 483 -0.28 -21.53 12.78
C ILE A 483 -0.35 -22.40 11.52
N ARG A 484 -0.75 -23.67 11.69
CA ARG A 484 -0.88 -24.57 10.56
C ARG A 484 -2.02 -24.08 9.67
N ALA A 485 -3.13 -23.70 10.29
CA ALA A 485 -4.29 -23.19 9.56
C ALA A 485 -3.95 -21.89 8.82
N GLN A 486 -3.13 -21.06 9.44
CA GLN A 486 -2.71 -19.79 8.85
C GLN A 486 -1.86 -20.07 7.62
N THR A 487 -0.92 -21.01 7.75
CA THR A 487 -0.04 -21.39 6.65
C THR A 487 -0.84 -22.05 5.53
N ALA A 488 -1.84 -22.84 5.91
CA ALA A 488 -2.67 -23.50 4.91
C ALA A 488 -3.46 -22.47 4.09
N TYR A 489 -4.06 -21.49 4.75
CA TYR A 489 -4.83 -20.45 4.05
C TYR A 489 -3.90 -19.64 3.15
N THR A 490 -2.70 -19.39 3.66
CA THR A 490 -1.69 -18.64 2.93
C THR A 490 -1.35 -19.36 1.62
N VAL A 491 -1.07 -20.65 1.71
CA VAL A 491 -0.75 -21.42 0.51
C VAL A 491 -1.95 -21.40 -0.43
N MET A 492 -3.15 -21.50 0.13
CA MET A 492 -4.36 -21.48 -0.67
C MET A 492 -4.50 -20.17 -1.44
N ALA A 493 -4.31 -19.06 -0.73
CA ALA A 493 -4.43 -17.75 -1.35
C ALA A 493 -3.42 -17.51 -2.46
N ILE A 494 -2.14 -17.72 -2.20
CA ILE A 494 -1.11 -17.46 -3.21
C ILE A 494 -1.20 -18.36 -4.45
N THR A 495 -1.87 -19.50 -4.35
CA THR A 495 -2.03 -20.38 -5.51
C THR A 495 -3.39 -20.12 -6.17
N GLY A 496 -3.97 -18.95 -5.87
CA GLY A 496 -5.25 -18.58 -6.45
C GLY A 496 -6.46 -19.42 -6.10
N MET A 497 -6.42 -20.12 -4.96
CA MET A 497 -7.54 -20.96 -4.54
C MET A 497 -8.36 -20.37 -3.37
N ALA A 498 -8.10 -19.12 -3.01
CA ALA A 498 -8.81 -18.45 -1.93
C ALA A 498 -10.20 -18.01 -2.41
N ILE A 499 -10.84 -17.12 -1.68
CA ILE A 499 -12.20 -16.78 -2.05
C ILE A 499 -12.52 -15.30 -2.38
N ASP A 500 -11.81 -14.29 -1.83
CA ASP A 500 -12.19 -12.89 -2.09
C ASP A 500 -12.31 -12.54 -3.57
N ASN A 501 -11.24 -12.72 -4.34
CA ASN A 501 -11.30 -12.39 -5.76
C ASN A 501 -12.39 -13.16 -6.46
N HIS A 502 -12.56 -14.42 -6.09
CA HIS A 502 -13.58 -15.26 -6.70
C HIS A 502 -14.99 -14.69 -6.47
N LEU A 503 -15.29 -14.37 -5.22
CA LEU A 503 -16.60 -13.82 -4.87
C LEU A 503 -16.83 -12.46 -5.51
N LEU A 504 -15.77 -11.67 -5.62
CA LEU A 504 -15.84 -10.35 -6.22
C LEU A 504 -16.31 -10.48 -7.66
N ALA A 505 -15.60 -11.33 -8.42
CA ALA A 505 -15.94 -11.54 -9.82
C ALA A 505 -17.37 -12.05 -9.99
N LEU A 506 -17.76 -13.01 -9.17
CA LEU A 506 -19.12 -13.55 -9.24
C LEU A 506 -20.11 -12.43 -8.95
N ARG A 507 -19.73 -11.54 -8.03
CA ARG A 507 -20.57 -10.40 -7.65
C ARG A 507 -20.77 -9.41 -8.79
N GLU A 508 -19.68 -8.99 -9.41
CA GLU A 508 -19.76 -8.03 -10.51
C GLU A 508 -20.37 -8.61 -11.77
N LEU A 509 -20.10 -9.88 -12.06
CA LEU A 509 -20.69 -10.51 -13.25
C LEU A 509 -22.21 -10.52 -13.02
N ALA A 510 -22.61 -10.67 -11.77
CA ALA A 510 -24.03 -10.66 -11.44
C ALA A 510 -24.58 -9.25 -11.66
N ARG A 511 -23.83 -8.26 -11.19
CA ARG A 511 -24.21 -6.85 -11.34
C ARG A 511 -24.42 -6.54 -12.82
N ALA A 512 -23.59 -7.12 -13.66
CA ALA A 512 -23.70 -6.92 -15.11
C ALA A 512 -25.05 -7.42 -15.61
N MET A 513 -25.55 -8.49 -15.00
CA MET A 513 -26.84 -9.07 -15.40
C MET A 513 -28.03 -8.22 -14.95
N CYS A 514 -27.96 -7.72 -13.71
CA CYS A 514 -29.02 -6.90 -13.14
C CYS A 514 -28.43 -6.10 -11.98
N ALA A 515 -28.66 -4.79 -11.98
CA ALA A 515 -28.15 -3.92 -10.93
C ALA A 515 -28.53 -4.39 -9.54
N ALA A 516 -29.62 -5.16 -9.43
CA ALA A 516 -30.04 -5.68 -8.14
C ALA A 516 -29.26 -6.94 -7.83
N LEU A 517 -28.21 -6.79 -7.02
CA LEU A 517 -27.35 -7.91 -6.66
C LEU A 517 -28.11 -9.06 -6.02
N PRO A 518 -27.61 -10.29 -6.19
CA PRO A 518 -28.23 -11.48 -5.61
C PRO A 518 -28.20 -11.36 -4.09
N GLU A 519 -29.11 -12.06 -3.41
CA GLU A 519 -29.17 -12.01 -1.97
C GLU A 519 -27.83 -12.44 -1.37
N MET A 520 -27.13 -13.29 -2.10
CA MET A 520 -25.82 -13.82 -1.70
C MET A 520 -24.86 -12.70 -1.35
N PHE A 521 -24.96 -11.58 -2.06
CA PHE A 521 -24.08 -10.44 -1.83
C PHE A 521 -24.70 -9.27 -1.08
N MET A 522 -26.02 -9.31 -0.88
CA MET A 522 -26.68 -8.24 -0.14
C MET A 522 -26.69 -8.66 1.33
N ASP A 523 -26.45 -9.95 1.55
CA ASP A 523 -26.39 -10.56 2.87
C ASP A 523 -25.42 -9.79 3.79
N GLU A 524 -25.90 -9.39 4.95
CA GLU A 524 -25.06 -8.64 5.90
C GLU A 524 -23.78 -9.40 6.25
N THR A 525 -23.83 -10.73 6.19
CA THR A 525 -22.66 -11.53 6.50
C THR A 525 -21.57 -11.26 5.45
N TYR A 526 -21.98 -11.09 4.19
CA TYR A 526 -21.04 -10.81 3.12
C TYR A 526 -20.44 -9.40 3.31
N LEU A 527 -21.29 -8.42 3.55
CA LEU A 527 -20.85 -7.04 3.74
C LEU A 527 -19.89 -6.96 4.93
N MET A 528 -20.23 -7.61 6.03
CA MET A 528 -19.36 -7.58 7.22
C MET A 528 -18.03 -8.29 6.97
N SER A 529 -18.06 -9.34 6.15
CA SER A 529 -16.85 -10.10 5.86
C SER A 529 -15.79 -9.27 5.14
N ASN A 530 -16.21 -8.17 4.52
CA ASN A 530 -15.29 -7.32 3.76
C ASN A 530 -14.94 -6.00 4.45
N ARG A 531 -15.24 -5.89 5.73
CA ARG A 531 -14.90 -4.72 6.52
C ARG A 531 -13.76 -5.19 7.43
N PHE A 532 -12.54 -5.03 6.92
CA PHE A 532 -11.34 -5.47 7.60
C PHE A 532 -10.87 -4.60 8.75
N VAL A 533 -11.43 -4.88 9.92
CA VAL A 533 -11.13 -4.14 11.14
C VAL A 533 -9.65 -4.30 11.45
N LEU A 534 -9.04 -5.36 10.92
CA LEU A 534 -7.61 -5.59 11.08
C LEU A 534 -7.07 -5.83 9.68
N SER A 535 -6.33 -4.86 9.14
CA SER A 535 -5.78 -4.99 7.80
C SER A 535 -4.26 -5.04 7.96
N THR A 536 -3.65 -6.09 7.41
CA THR A 536 -2.22 -6.29 7.59
C THR A 536 -1.45 -6.71 6.36
N SER A 537 -0.13 -6.78 6.51
CA SER A 537 0.76 -7.21 5.45
C SER A 537 2.17 -7.29 6.00
N GLN A 538 2.98 -8.15 5.41
CA GLN A 538 4.36 -8.27 5.84
C GLN A 538 5.18 -7.60 4.75
N VAL A 539 6.01 -6.64 5.13
CA VAL A 539 6.86 -5.96 4.18
C VAL A 539 8.27 -6.09 4.75
N PRO A 540 8.93 -7.21 4.45
CA PRO A 540 10.29 -7.48 4.93
C PRO A 540 11.29 -6.65 4.14
N THR A 541 12.30 -6.14 4.82
CA THR A 541 13.34 -5.36 4.16
C THR A 541 14.70 -5.82 4.67
N THR A 542 15.74 -5.57 3.88
CA THR A 542 17.09 -5.94 4.26
C THR A 542 17.86 -4.69 4.68
N THR A 543 17.34 -3.53 4.28
CA THR A 543 17.95 -2.25 4.61
C THR A 543 17.28 -1.74 5.89
N GLU A 544 17.71 -0.58 6.38
CA GLU A 544 17.10 -0.03 7.59
C GLU A 544 15.96 0.90 7.19
N MET A 545 14.93 0.32 6.58
CA MET A 545 13.76 1.09 6.17
C MET A 545 12.51 0.29 6.55
N PHE A 546 11.36 0.93 6.52
CA PHE A 546 10.12 0.25 6.86
C PHE A 546 8.92 0.86 6.16
N CYS A 547 7.89 0.04 5.97
CA CYS A 547 6.68 0.47 5.29
C CYS A 547 5.54 0.57 6.31
N CYS A 548 4.60 1.48 6.06
CA CYS A 548 3.46 1.67 6.94
C CYS A 548 2.28 2.26 6.18
N TYR A 549 1.08 2.15 6.74
CA TYR A 549 -0.13 2.66 6.12
C TYR A 549 -1.28 2.71 7.13
N GLY A 550 -2.33 3.45 6.80
CA GLY A 550 -3.44 3.57 7.72
C GLY A 550 -4.42 2.41 7.69
N PRO A 551 -5.46 2.45 8.54
CA PRO A 551 -6.49 1.41 8.61
C PRO A 551 -7.37 1.54 7.36
N VAL A 552 -8.27 0.59 7.13
CA VAL A 552 -9.14 0.64 5.95
C VAL A 552 -10.59 0.90 6.34
N VAL A 553 -10.88 0.85 7.64
CA VAL A 553 -12.21 1.14 8.16
C VAL A 553 -12.04 2.03 9.40
N PRO A 554 -13.02 2.92 9.66
CA PRO A 554 -12.97 3.83 10.80
C PRO A 554 -12.64 3.22 12.16
N ASN A 555 -13.12 2.00 12.39
CA ASN A 555 -12.87 1.33 13.66
C ASN A 555 -11.80 0.25 13.58
N GLY A 556 -10.85 0.39 12.65
CA GLY A 556 -9.84 -0.64 12.52
C GLY A 556 -8.38 -0.22 12.73
N TYR A 557 -7.49 -1.19 12.52
CA TYR A 557 -6.05 -1.00 12.62
C TYR A 557 -5.41 -1.27 11.23
N GLY A 558 -4.18 -0.79 11.15
CA GLY A 558 -3.33 -0.96 10.02
C GLY A 558 -2.03 -1.53 10.57
N ALA A 559 -1.78 -2.83 10.44
CA ALA A 559 -0.55 -3.40 10.96
C ALA A 559 0.41 -3.96 9.91
N CYS A 560 1.52 -3.25 9.69
CA CYS A 560 2.52 -3.69 8.74
C CYS A 560 3.74 -4.10 9.54
N TYR A 561 4.18 -5.34 9.36
CA TYR A 561 5.34 -5.82 10.10
C TYR A 561 6.53 -6.15 9.21
N ASN A 562 7.71 -6.02 9.79
CA ASN A 562 8.97 -6.28 9.11
C ASN A 562 9.77 -7.18 10.05
N PRO A 563 9.77 -8.50 9.81
CA PRO A 563 10.50 -9.42 10.67
C PRO A 563 11.97 -9.59 10.30
N GLN A 564 12.84 -9.45 11.30
CA GLN A 564 14.27 -9.61 11.12
C GLN A 564 14.71 -10.84 11.90
N PRO A 565 15.98 -11.24 11.79
CA PRO A 565 16.44 -12.43 12.52
C PRO A 565 16.21 -12.40 14.03
N GLU A 566 16.45 -11.27 14.68
CA GLU A 566 16.29 -11.19 16.13
C GLU A 566 15.21 -10.21 16.63
N THR A 567 14.57 -9.51 15.72
CA THR A 567 13.54 -8.55 16.11
C THR A 567 12.40 -8.55 15.10
N ILE A 568 11.34 -7.83 15.42
CA ILE A 568 10.21 -7.70 14.51
C ILE A 568 9.69 -6.29 14.64
N LEU A 569 9.67 -5.56 13.53
CA LEU A 569 9.18 -4.19 13.55
C LEU A 569 7.69 -4.18 13.26
N PHE A 570 6.94 -3.42 14.05
CA PHE A 570 5.50 -3.32 13.88
C PHE A 570 5.07 -1.87 13.72
N CYS A 571 4.46 -1.56 12.57
CA CYS A 571 3.95 -0.22 12.35
C CYS A 571 2.46 -0.35 12.49
N ILE A 572 1.93 0.29 13.53
CA ILE A 572 0.52 0.19 13.84
C ILE A 572 -0.24 1.51 13.76
N SER A 573 -1.34 1.48 13.03
CA SER A 573 -2.17 2.66 12.83
C SER A 573 -3.62 2.39 13.20
N SER A 574 -4.30 3.45 13.60
CA SER A 574 -5.71 3.40 13.94
C SER A 574 -6.19 4.85 13.99
N PHE A 575 -7.49 5.05 14.14
CA PHE A 575 -8.03 6.41 14.15
C PHE A 575 -8.45 6.86 15.55
N HIS A 576 -7.94 8.02 15.96
CA HIS A 576 -8.24 8.59 17.27
C HIS A 576 -9.74 8.81 17.44
N SER A 577 -10.43 8.93 16.31
CA SER A 577 -11.87 9.14 16.31
C SER A 577 -12.63 7.96 16.91
N CYS A 578 -12.06 6.76 16.78
CA CYS A 578 -12.70 5.57 17.32
C CYS A 578 -12.20 5.29 18.73
N ALA A 579 -13.08 5.49 19.72
CA ALA A 579 -12.73 5.26 21.11
C ALA A 579 -12.30 3.83 21.39
N ALA A 580 -12.68 2.91 20.51
CA ALA A 580 -12.31 1.51 20.71
C ALA A 580 -10.83 1.23 20.44
N THR A 581 -10.35 1.67 19.28
CA THR A 581 -8.96 1.44 18.90
C THR A 581 -7.95 2.30 19.65
N SER A 582 -6.72 1.79 19.71
CA SER A 582 -5.61 2.46 20.36
C SER A 582 -4.34 1.78 19.86
N SER A 583 -3.53 2.50 19.10
CA SER A 583 -2.31 1.94 18.56
C SER A 583 -1.33 1.53 19.66
N SER A 584 -1.26 2.32 20.74
CA SER A 584 -0.37 2.01 21.85
C SER A 584 -0.79 0.74 22.57
N LYS A 585 -2.09 0.62 22.86
CA LYS A 585 -2.57 -0.57 23.54
C LYS A 585 -2.49 -1.81 22.65
N PHE A 586 -2.67 -1.62 21.34
CA PHE A 586 -2.59 -2.77 20.44
C PHE A 586 -1.13 -3.22 20.35
N ALA A 587 -0.20 -2.26 20.27
CA ALA A 587 1.22 -2.58 20.20
C ALA A 587 1.62 -3.34 21.46
N LYS A 588 1.03 -2.96 22.59
CA LYS A 588 1.30 -3.60 23.87
C LYS A 588 0.70 -5.00 23.88
N ALA A 589 -0.47 -5.14 23.27
CA ALA A 589 -1.11 -6.46 23.21
C ALA A 589 -0.30 -7.39 22.33
N VAL A 590 0.33 -6.83 21.29
CA VAL A 590 1.17 -7.61 20.37
C VAL A 590 2.38 -8.15 21.13
N GLU A 591 3.00 -7.29 21.93
CA GLU A 591 4.17 -7.66 22.72
C GLU A 591 3.83 -8.81 23.67
N GLU A 592 2.73 -8.68 24.37
CA GLU A 592 2.31 -9.70 25.31
C GLU A 592 2.00 -11.03 24.60
N SER A 593 1.40 -10.94 23.42
CA SER A 593 1.09 -12.14 22.66
C SER A 593 2.34 -12.85 22.18
N LEU A 594 3.32 -12.10 21.70
CA LEU A 594 4.57 -12.70 21.24
C LEU A 594 5.30 -13.34 22.43
N ILE A 595 5.22 -12.71 23.60
CA ILE A 595 5.86 -13.24 24.79
C ILE A 595 5.11 -14.51 25.20
N ASP A 596 3.78 -14.45 25.23
CA ASP A 596 2.98 -15.62 25.58
C ASP A 596 3.28 -16.80 24.65
N MET A 597 3.41 -16.50 23.36
CA MET A 597 3.68 -17.54 22.39
C MET A 597 5.05 -18.17 22.56
N ARG A 598 6.03 -17.34 22.91
CA ARG A 598 7.38 -17.81 23.13
C ARG A 598 7.35 -18.78 24.32
N ASP A 599 6.74 -18.34 25.41
CA ASP A 599 6.63 -19.18 26.61
C ASP A 599 5.92 -20.49 26.29
N LEU A 600 4.88 -20.43 25.45
CA LEU A 600 4.15 -21.64 25.07
C LEU A 600 5.05 -22.61 24.32
N CYS A 601 5.84 -22.08 23.38
CA CYS A 601 6.74 -22.90 22.58
C CYS A 601 7.95 -23.37 23.36
N SER A 602 8.20 -22.75 24.51
CA SER A 602 9.35 -23.12 25.32
C SER A 602 9.00 -24.13 26.40
N LEU A 603 7.86 -24.81 26.25
CA LEU A 603 7.44 -25.82 27.22
C LEU A 603 8.15 -27.15 26.93
N LEU A 604 7.78 -28.19 27.68
CA LEU A 604 8.35 -29.53 27.54
C LEU A 604 7.43 -30.40 26.67
N PRO A 605 7.84 -31.66 26.38
CA PRO A 605 6.99 -32.55 25.61
C PRO A 605 6.16 -33.48 26.52
N PRO A 606 6.37 -34.78 26.54
CA PRO A 606 5.55 -35.53 27.49
C PRO A 606 6.38 -36.31 28.51
C4 CHT B . -1.05 -2.92 2.00
C5 CHT B . -2.58 -3.05 1.70
C6 CHT B . -3.54 -1.94 3.64
C7 CHT B . -4.85 -3.51 2.39
C8 CHT B . -3.04 -4.28 3.78
O6 CHT B . -0.32 -3.27 0.83
N1 CHT B . -3.49 -3.20 2.87
C1 GOL C . 13.03 23.70 1.13
O1 GOL C . 11.95 23.48 2.04
C2 GOL C . 14.33 23.13 1.70
O2 GOL C . 14.19 21.73 1.95
C3 GOL C . 15.48 23.38 0.72
O3 GOL C . 16.70 22.85 1.26
#